data_6EXP
#
_entry.id   6EXP
#
_cell.length_a   54.750
_cell.length_b   80.440
_cell.length_c   106.320
_cell.angle_alpha   90.000
_cell.angle_beta   101.230
_cell.angle_gamma   90.000
#
_symmetry.space_group_name_H-M   'P 1 21 1'
#
loop_
_entity.id
_entity.type
_entity.pdbx_description
1 polymer 'SIRV3 AcrID1 (gp02) anti-CRISPR protein'
2 water water
#
_entity_poly.entity_id   1
_entity_poly.type   'polypeptide(L)'
_entity_poly.pdbx_seq_one_letter_code
;MNYKELEKMLDVIFENSEIKEIDLFFDPEVEISKQEFEDLVKNADPLQKVVGDNYITETFEWWEFENQYLEFELDYYVKD
EKIFVLEMHFWRKIRKLEHHHHHH
;
_entity_poly.pdbx_strand_id   A,B,C,D,E,F
#
# COMPACT_ATOMS: atom_id res chain seq x y z
N MET A 1 -28.84 -15.88 9.44
CA MET A 1 -28.55 -14.59 8.76
C MET A 1 -28.14 -14.80 7.31
N ASN A 2 -28.94 -14.29 6.38
CA ASN A 2 -28.68 -14.48 4.96
C ASN A 2 -27.73 -13.40 4.43
N TYR A 3 -27.09 -13.70 3.31
CA TYR A 3 -26.17 -12.73 2.74
C TYR A 3 -26.85 -11.39 2.53
N LYS A 4 -28.14 -11.40 2.20
CA LYS A 4 -28.89 -10.15 2.00
C LYS A 4 -28.86 -9.26 3.25
N GLU A 5 -29.04 -9.86 4.44
CA GLU A 5 -28.96 -9.06 5.67
C GLU A 5 -27.54 -8.54 5.85
N LEU A 6 -26.54 -9.36 5.56
CA LEU A 6 -25.17 -8.89 5.58
C LEU A 6 -24.97 -7.69 4.63
N GLU A 7 -25.58 -7.74 3.44
CA GLU A 7 -25.42 -6.62 2.51
C GLU A 7 -25.93 -5.29 3.06
N LYS A 8 -26.98 -5.35 3.87
CA LYS A 8 -27.50 -4.16 4.54
C LYS A 8 -26.46 -3.57 5.48
N MET A 9 -25.77 -4.41 6.24
CA MET A 9 -24.69 -3.94 7.08
C MET A 9 -23.55 -3.35 6.24
N LEU A 10 -23.18 -4.02 5.16
CA LEU A 10 -22.10 -3.50 4.34
C LEU A 10 -22.45 -2.14 3.75
N ASP A 11 -23.70 -1.93 3.32
CA ASP A 11 -24.08 -0.62 2.81
C ASP A 11 -23.77 0.48 3.81
N VAL A 12 -24.04 0.24 5.08
CA VAL A 12 -23.82 1.24 6.12
C VAL A 12 -22.35 1.50 6.32
N ILE A 13 -21.57 0.45 6.40
CA ILE A 13 -20.12 0.59 6.57
C ILE A 13 -19.50 1.33 5.39
N PHE A 14 -19.88 0.95 4.15
CA PHE A 14 -19.22 1.51 2.99
C PHE A 14 -19.62 2.96 2.79
N GLU A 15 -20.89 3.25 3.01
CA GLU A 15 -21.48 4.53 2.62
C GLU A 15 -21.29 5.62 3.67
N ASN A 16 -20.74 5.32 4.85
CA ASN A 16 -20.56 6.31 5.93
C ASN A 16 -19.08 6.34 6.35
N SER A 17 -18.38 7.36 5.90
CA SER A 17 -16.93 7.50 6.07
C SER A 17 -16.52 7.78 7.51
N GLU A 18 -17.45 8.15 8.35
CA GLU A 18 -17.16 8.35 9.76
C GLU A 18 -16.89 7.02 10.51
N ILE A 19 -17.28 5.89 9.93
CA ILE A 19 -17.05 4.60 10.57
C ILE A 19 -15.58 4.28 10.40
N LYS A 20 -14.77 4.63 11.39
CA LYS A 20 -13.33 4.46 11.32
C LYS A 20 -12.97 2.99 11.51
N GLU A 21 -13.68 2.29 12.41
CA GLU A 21 -13.40 0.87 12.64
C GLU A 21 -14.70 0.19 13.10
N ILE A 22 -14.94 -1.02 12.59
CA ILE A 22 -16.07 -1.83 13.04
C ILE A 22 -15.65 -3.31 13.11
N ASP A 23 -15.99 -3.93 14.23
CA ASP A 23 -15.65 -5.34 14.45
C ASP A 23 -16.95 -6.11 14.68
N LEU A 24 -17.14 -7.21 13.93
CA LEU A 24 -18.37 -8.02 14.03
C LEU A 24 -17.99 -9.45 14.37
N PHE A 25 -18.62 -10.01 15.41
CA PHE A 25 -18.36 -11.36 15.87
C PHE A 25 -19.66 -12.17 15.81
N PHE A 26 -19.59 -13.34 15.16
CA PHE A 26 -20.77 -14.13 14.91
C PHE A 26 -20.69 -15.37 15.77
N ASP A 27 -21.84 -15.81 16.26
CA ASP A 27 -21.98 -17.06 17.01
C ASP A 27 -23.47 -17.40 16.97
N PRO A 28 -23.88 -18.42 16.21
CA PRO A 28 -23.03 -19.28 15.37
C PRO A 28 -22.45 -18.54 14.19
N GLU A 29 -21.51 -19.18 13.54
CA GLU A 29 -20.91 -18.63 12.34
C GLU A 29 -22.01 -18.38 11.31
N VAL A 30 -21.82 -17.33 10.53
CA VAL A 30 -22.73 -16.99 9.45
C VAL A 30 -22.34 -17.79 8.21
N GLU A 31 -23.32 -18.39 7.56
CA GLU A 31 -23.10 -19.27 6.42
C GLU A 31 -23.45 -18.53 5.14
N ILE A 32 -22.53 -18.52 4.17
CA ILE A 32 -22.78 -17.91 2.86
C ILE A 32 -22.21 -18.83 1.79
N SER A 33 -22.75 -18.71 0.57
CA SER A 33 -22.35 -19.54 -0.57
C SER A 33 -21.07 -19.01 -1.21
N LYS A 34 -20.48 -19.86 -2.07
CA LYS A 34 -19.29 -19.48 -2.80
C LYS A 34 -19.52 -18.21 -3.62
N GLN A 35 -20.68 -18.09 -4.25
CA GLN A 35 -20.96 -16.93 -5.06
C GLN A 35 -21.10 -15.70 -4.18
N GLU A 36 -21.80 -15.85 -3.06
CA GLU A 36 -21.97 -14.72 -2.16
C GLU A 36 -20.63 -14.21 -1.63
N PHE A 37 -19.69 -15.12 -1.35
CA PHE A 37 -18.37 -14.70 -0.91
C PHE A 37 -17.64 -13.89 -1.99
N GLU A 38 -17.64 -14.38 -3.24
CA GLU A 38 -17.03 -13.61 -4.34
C GLU A 38 -17.76 -12.29 -4.54
N ASP A 39 -19.09 -12.30 -4.39
CA ASP A 39 -19.86 -11.06 -4.43
C ASP A 39 -19.48 -10.14 -3.28
N LEU A 40 -19.25 -10.72 -2.11
CA LEU A 40 -18.88 -9.95 -0.92
C LEU A 40 -17.61 -9.16 -1.15
N VAL A 41 -16.61 -9.76 -1.81
CA VAL A 41 -15.35 -9.05 -1.97
C VAL A 41 -15.28 -8.53 -3.40
N LYS A 42 -16.45 -8.25 -3.97
CA LYS A 42 -16.50 -7.79 -5.35
C LYS A 42 -15.76 -6.46 -5.43
N ASN A 43 -14.94 -6.29 -6.46
CA ASN A 43 -14.18 -5.07 -6.70
C ASN A 43 -13.20 -4.72 -5.57
N ALA A 44 -12.87 -5.63 -4.67
CA ALA A 44 -11.86 -5.33 -3.67
C ALA A 44 -10.52 -5.83 -4.18
N ASP A 45 -9.45 -5.29 -3.64
CA ASP A 45 -8.12 -5.82 -3.96
C ASP A 45 -7.74 -6.88 -2.92
N PRO A 46 -7.55 -8.15 -3.30
CA PRO A 46 -7.08 -9.15 -2.31
C PRO A 46 -5.67 -8.78 -1.85
N LEU A 47 -5.51 -8.75 -0.54
CA LEU A 47 -4.21 -8.43 0.04
C LEU A 47 -3.50 -9.69 0.56
N GLN A 48 -3.90 -10.24 1.70
CA GLN A 48 -3.21 -11.37 2.31
C GLN A 48 -4.22 -12.45 2.62
N LYS A 49 -3.81 -13.69 2.49
CA LYS A 49 -4.59 -14.87 2.87
C LYS A 49 -3.68 -15.78 3.69
N VAL A 50 -4.15 -16.16 4.87
CA VAL A 50 -3.39 -16.94 5.83
C VAL A 50 -4.17 -18.21 6.13
N VAL A 51 -3.59 -19.36 5.80
CA VAL A 51 -4.27 -20.64 6.04
C VAL A 51 -3.90 -21.05 7.46
N GLY A 52 -4.83 -20.84 8.40
CA GLY A 52 -4.60 -21.23 9.77
C GLY A 52 -4.97 -22.69 10.07
N ASP A 53 -4.65 -23.08 11.30
CA ASP A 53 -4.98 -24.43 11.74
C ASP A 53 -6.48 -24.68 11.60
N ASN A 54 -7.30 -23.76 12.09
CA ASN A 54 -8.74 -23.92 12.13
C ASN A 54 -9.50 -23.06 11.14
N TYR A 55 -8.96 -21.92 10.73
CA TYR A 55 -9.71 -21.07 9.83
C TYR A 55 -8.74 -20.31 8.95
N ILE A 56 -9.29 -19.74 7.91
CA ILE A 56 -8.55 -18.90 6.99
C ILE A 56 -8.85 -17.45 7.34
N THR A 57 -7.82 -16.61 7.34
CA THR A 57 -7.98 -15.17 7.53
C THR A 57 -7.54 -14.51 6.22
N GLU A 58 -8.45 -13.74 5.60
CA GLU A 58 -8.15 -13.02 4.36
C GLU A 58 -8.38 -11.53 4.56
N THR A 59 -7.52 -10.71 3.95
CA THR A 59 -7.66 -9.26 3.97
C THR A 59 -7.80 -8.74 2.54
N PHE A 60 -8.63 -7.71 2.42
CA PHE A 60 -8.95 -7.07 1.16
C PHE A 60 -9.03 -5.57 1.43
N GLU A 61 -8.98 -4.76 0.38
CA GLU A 61 -9.22 -3.33 0.54
C GLU A 61 -9.92 -2.76 -0.69
N TRP A 62 -10.76 -1.76 -0.45
CA TRP A 62 -11.37 -0.90 -1.47
C TRP A 62 -10.85 0.52 -1.33
N TRP A 63 -10.47 1.14 -2.44
CA TRP A 63 -10.16 2.56 -2.40
C TRP A 63 -11.43 3.35 -2.10
N GLU A 64 -11.31 4.31 -1.20
CA GLU A 64 -12.46 5.15 -0.90
C GLU A 64 -12.32 6.55 -1.50
N PHE A 65 -11.27 7.30 -1.15
CA PHE A 65 -10.97 8.60 -1.73
C PHE A 65 -9.57 8.98 -1.27
N GLU A 66 -8.95 9.90 -1.99
CA GLU A 66 -7.59 10.37 -1.67
C GLU A 66 -6.70 9.13 -1.50
N ASN A 67 -5.98 8.99 -0.38
CA ASN A 67 -5.17 7.84 -0.06
C ASN A 67 -5.80 7.02 1.06
N GLN A 68 -7.13 7.09 1.19
CA GLN A 68 -7.90 6.38 2.18
C GLN A 68 -8.57 5.18 1.54
N TYR A 69 -8.40 4.01 2.16
CA TYR A 69 -8.96 2.75 1.74
C TYR A 69 -9.77 2.16 2.87
N LEU A 70 -10.79 1.41 2.50
CA LEU A 70 -11.56 0.67 3.43
C LEU A 70 -10.96 -0.74 3.43
N GLU A 71 -10.31 -1.10 4.53
CA GLU A 71 -9.74 -2.45 4.67
C GLU A 71 -10.75 -3.38 5.32
N PHE A 72 -10.72 -4.66 4.88
CA PHE A 72 -11.65 -5.69 5.32
C PHE A 72 -10.86 -6.96 5.60
N GLU A 73 -11.12 -7.55 6.76
CA GLU A 73 -10.53 -8.82 7.17
C GLU A 73 -11.62 -9.74 7.70
N LEU A 74 -11.56 -11.03 7.34
CA LEU A 74 -12.48 -11.98 7.95
C LEU A 74 -11.75 -13.29 8.20
N ASP A 75 -12.22 -13.96 9.25
CA ASP A 75 -11.89 -15.33 9.58
C ASP A 75 -13.02 -16.22 9.11
N TYR A 76 -12.68 -17.29 8.41
CA TYR A 76 -13.71 -18.24 7.98
C TYR A 76 -13.09 -19.62 7.76
N TYR A 77 -13.95 -20.62 7.61
CA TYR A 77 -13.54 -21.96 7.23
C TYR A 77 -14.54 -22.50 6.23
N VAL A 78 -14.13 -23.52 5.48
CA VAL A 78 -14.94 -24.12 4.43
C VAL A 78 -15.39 -25.51 4.83
N LYS A 79 -16.69 -25.75 4.70
CA LYS A 79 -17.25 -27.08 4.91
C LYS A 79 -18.42 -27.30 3.96
N ASP A 80 -18.78 -28.57 3.77
CA ASP A 80 -19.90 -28.97 2.91
C ASP A 80 -20.37 -27.93 1.89
N GLU A 81 -19.44 -27.29 1.19
CA GLU A 81 -19.73 -26.39 0.06
C GLU A 81 -20.29 -25.04 0.51
N LYS A 82 -19.83 -24.54 1.66
CA LYS A 82 -20.30 -23.27 2.19
C LYS A 82 -19.17 -22.59 2.97
N ILE A 83 -19.28 -21.28 3.14
CA ILE A 83 -18.28 -20.49 3.84
C ILE A 83 -18.88 -20.10 5.20
N PHE A 84 -18.19 -20.48 6.29
CA PHE A 84 -18.61 -20.19 7.66
C PHE A 84 -17.75 -19.06 8.21
N VAL A 85 -18.38 -17.88 8.38
CA VAL A 85 -17.70 -16.65 8.82
C VAL A 85 -17.70 -16.56 10.35
N LEU A 86 -16.50 -16.46 10.93
CA LEU A 86 -16.37 -16.34 12.38
C LEU A 86 -16.51 -14.89 12.81
N GLU A 87 -15.88 -14.00 12.03
CA GLU A 87 -15.83 -12.60 12.38
C GLU A 87 -15.46 -11.80 11.16
N MET A 88 -15.79 -10.55 11.25
CA MET A 88 -15.46 -9.55 10.24
C MET A 88 -14.93 -8.29 10.90
N HIS A 89 -14.02 -7.62 10.18
CA HIS A 89 -13.41 -6.39 10.64
C HIS A 89 -13.23 -5.47 9.44
N PHE A 90 -13.64 -4.22 9.62
CA PHE A 90 -13.39 -3.16 8.67
C PHE A 90 -12.69 -2.01 9.37
N TRP A 91 -11.75 -1.39 8.67
CA TRP A 91 -11.13 -0.19 9.14
C TRP A 91 -10.73 0.68 7.96
N ARG A 92 -10.92 1.99 8.14
CA ARG A 92 -10.45 2.96 7.16
C ARG A 92 -9.03 3.36 7.51
N LYS A 93 -8.16 3.23 6.52
CA LYS A 93 -6.74 3.43 6.70
C LYS A 93 -6.23 4.33 5.60
N ILE A 94 -5.25 5.11 5.95
CA ILE A 94 -4.55 5.98 5.02
C ILE A 94 -3.30 5.25 4.60
N ARG A 95 -3.07 5.14 3.29
CA ARG A 95 -1.87 4.48 2.81
C ARG A 95 -0.76 5.48 2.60
N LYS A 96 0.44 5.07 2.96
CA LYS A 96 1.62 5.89 2.88
C LYS A 96 2.28 5.54 1.58
N MET B 1 -23.09 11.46 9.38
CA MET B 1 -23.92 10.22 9.35
C MET B 1 -25.32 10.47 9.92
N ASN B 2 -26.35 10.21 9.12
CA ASN B 2 -27.72 10.49 9.48
C ASN B 2 -28.24 9.43 10.43
N TYR B 3 -29.22 9.83 11.24
CA TYR B 3 -29.84 8.92 12.18
C TYR B 3 -30.47 7.71 11.49
N LYS B 4 -31.05 7.90 10.30
CA LYS B 4 -31.63 6.77 9.57
C LYS B 4 -30.60 5.67 9.30
N GLU B 5 -29.37 6.06 8.93
CA GLU B 5 -28.31 5.08 8.67
C GLU B 5 -27.94 4.31 9.93
N LEU B 6 -27.83 5.02 11.05
CA LEU B 6 -27.62 4.38 12.33
C LEU B 6 -28.78 3.42 12.66
N GLU B 7 -30.01 3.87 12.42
CA GLU B 7 -31.18 3.03 12.63
C GLU B 7 -31.14 1.79 11.73
N LYS B 8 -30.62 1.93 10.52
CA LYS B 8 -30.48 0.81 9.60
C LYS B 8 -29.54 -0.25 10.18
N MET B 9 -28.41 0.18 10.72
CA MET B 9 -27.49 -0.75 11.34
C MET B 9 -28.11 -1.44 12.54
N LEU B 10 -28.81 -0.70 13.38
CA LEU B 10 -29.42 -1.35 14.54
C LEU B 10 -30.46 -2.39 14.11
N ASP B 11 -31.27 -2.08 13.11
CA ASP B 11 -32.25 -3.08 12.67
C ASP B 11 -31.57 -4.41 12.37
N VAL B 12 -30.38 -4.37 11.75
CA VAL B 12 -29.67 -5.61 11.43
C VAL B 12 -29.19 -6.30 12.71
N ILE B 13 -28.61 -5.55 13.64
CA ILE B 13 -28.16 -6.15 14.89
C ILE B 13 -29.35 -6.79 15.61
N PHE B 14 -30.50 -6.10 15.63
CA PHE B 14 -31.66 -6.62 16.35
C PHE B 14 -32.22 -7.87 15.71
N GLU B 15 -32.25 -7.91 14.38
CA GLU B 15 -32.95 -8.97 13.66
C GLU B 15 -32.08 -10.18 13.39
N ASN B 16 -30.80 -10.15 13.75
CA ASN B 16 -29.92 -11.28 13.47
C ASN B 16 -29.23 -11.70 14.76
N SER B 17 -29.76 -12.73 15.40
CA SER B 17 -29.26 -13.18 16.68
C SER B 17 -27.87 -13.77 16.61
N GLU B 18 -27.40 -14.09 15.39
CA GLU B 18 -26.05 -14.60 15.23
C GLU B 18 -25.01 -13.56 15.54
N ILE B 19 -25.39 -12.28 15.56
CA ILE B 19 -24.47 -11.18 15.87
C ILE B 19 -24.22 -11.14 17.37
N LYS B 20 -23.09 -11.71 17.77
CA LYS B 20 -22.75 -11.84 19.18
C LYS B 20 -22.18 -10.55 19.75
N GLU B 21 -21.40 -9.86 18.94
CA GLU B 21 -20.76 -8.64 19.38
C GLU B 21 -20.49 -7.75 18.19
N ILE B 22 -20.65 -6.45 18.40
CA ILE B 22 -20.36 -5.44 17.37
C ILE B 22 -19.72 -4.26 18.07
N ASP B 23 -18.54 -3.84 17.61
CA ASP B 23 -17.85 -2.67 18.13
C ASP B 23 -17.70 -1.69 16.96
N LEU B 24 -18.13 -0.44 17.18
CA LEU B 24 -18.09 0.64 16.18
C LEU B 24 -17.36 1.87 16.72
N PHE B 25 -16.41 2.38 15.95
CA PHE B 25 -15.64 3.55 16.36
C PHE B 25 -15.81 4.61 15.29
N PHE B 26 -16.21 5.81 15.70
CA PHE B 26 -16.49 6.88 14.77
C PHE B 26 -15.38 7.91 14.81
N ASP B 27 -15.01 8.42 13.59
CA ASP B 27 -14.09 9.54 13.45
C ASP B 27 -14.31 10.16 12.07
N PRO B 28 -14.90 11.36 12.01
CA PRO B 28 -15.36 12.19 13.13
C PRO B 28 -16.52 11.60 13.94
N GLU B 29 -16.81 12.18 15.10
CA GLU B 29 -17.95 11.77 15.93
C GLU B 29 -19.22 11.97 15.13
N VAL B 30 -20.18 11.11 15.36
CA VAL B 30 -21.48 11.21 14.71
C VAL B 30 -22.42 12.00 15.62
N GLU B 31 -23.07 12.99 15.07
CA GLU B 31 -23.92 13.88 15.85
C GLU B 31 -25.36 13.49 15.63
N ILE B 32 -26.13 13.35 16.70
CA ILE B 32 -27.54 13.04 16.59
C ILE B 32 -28.28 13.95 17.56
N SER B 33 -29.55 14.15 17.30
CA SER B 33 -30.28 15.01 18.23
C SER B 33 -30.68 14.22 19.46
N LYS B 34 -31.08 14.95 20.48
CA LYS B 34 -31.59 14.31 21.68
C LYS B 34 -32.82 13.47 21.36
N GLN B 35 -33.70 13.93 20.46
CA GLN B 35 -34.86 13.13 20.12
C GLN B 35 -34.45 11.84 19.42
N GLU B 36 -33.46 11.89 18.54
CA GLU B 36 -33.01 10.67 17.87
C GLU B 36 -32.46 9.67 18.87
N PHE B 37 -31.73 10.15 19.88
CA PHE B 37 -31.16 9.30 20.88
C PHE B 37 -32.24 8.54 21.65
N GLU B 38 -33.25 9.26 22.12
CA GLU B 38 -34.33 8.57 22.83
C GLU B 38 -35.06 7.61 21.90
N ASP B 39 -35.20 7.99 20.64
CA ASP B 39 -35.82 7.04 19.72
C ASP B 39 -34.93 5.80 19.57
N LEU B 40 -33.61 5.99 19.62
CA LEU B 40 -32.68 4.88 19.51
C LEU B 40 -32.88 3.86 20.65
N VAL B 41 -33.04 4.35 21.87
CA VAL B 41 -33.15 3.50 23.05
C VAL B 41 -34.61 3.43 23.49
N LYS B 42 -35.51 3.37 22.52
CA LYS B 42 -36.94 3.48 22.79
C LYS B 42 -37.38 2.44 23.81
N ASN B 43 -37.22 1.16 23.48
CA ASN B 43 -37.65 0.07 24.33
C ASN B 43 -36.53 -0.58 25.09
N ALA B 44 -35.41 0.10 25.28
CA ALA B 44 -34.33 -0.48 26.07
C ALA B 44 -34.47 -0.09 27.54
N ASP B 45 -33.89 -0.93 28.36
CA ASP B 45 -33.83 -0.74 29.82
C ASP B 45 -32.50 -0.06 30.14
N PRO B 46 -32.52 1.19 30.66
CA PRO B 46 -31.23 1.82 31.05
C PRO B 46 -30.56 1.05 32.18
N LEU B 47 -29.26 0.76 32.01
CA LEU B 47 -28.51 0.00 33.01
C LEU B 47 -27.48 0.80 33.80
N GLN B 48 -26.87 1.82 33.22
CA GLN B 48 -25.82 2.53 33.89
C GLN B 48 -25.57 3.80 33.10
N LYS B 49 -25.27 4.89 33.80
CA LYS B 49 -24.82 6.10 33.15
C LYS B 49 -23.67 6.69 33.95
N VAL B 50 -22.52 6.86 33.29
CA VAL B 50 -21.31 7.34 33.92
C VAL B 50 -20.90 8.65 33.25
N VAL B 51 -20.87 9.72 34.03
CA VAL B 51 -20.43 11.02 33.56
C VAL B 51 -18.98 11.20 33.97
N GLY B 52 -18.08 10.98 33.03
CA GLY B 52 -16.68 11.27 33.23
C GLY B 52 -16.38 12.71 32.83
N ASP B 53 -15.12 13.09 33.03
CA ASP B 53 -14.67 14.44 32.69
C ASP B 53 -14.85 14.78 31.21
N ASN B 54 -14.57 13.84 30.30
CA ASN B 54 -14.63 14.16 28.87
C ASN B 54 -15.84 13.63 28.14
N TYR B 55 -16.39 12.48 28.52
CA TYR B 55 -17.55 11.96 27.82
C TYR B 55 -18.42 11.19 28.79
N ILE B 56 -19.62 10.90 28.34
CA ILE B 56 -20.57 10.05 29.06
C ILE B 56 -20.54 8.67 28.46
N THR B 57 -20.60 7.65 29.32
CA THR B 57 -20.83 6.27 28.91
C THR B 57 -22.16 5.81 29.46
N GLU B 58 -23.07 5.42 28.58
CA GLU B 58 -24.39 4.94 28.95
C GLU B 58 -24.57 3.54 28.39
N THR B 59 -25.18 2.70 29.20
CA THR B 59 -25.47 1.31 28.86
C THR B 59 -26.96 1.03 28.99
N PHE B 60 -27.43 0.22 28.04
CA PHE B 60 -28.83 -0.20 27.95
C PHE B 60 -28.89 -1.69 27.67
N GLU B 61 -30.08 -2.27 27.89
CA GLU B 61 -30.31 -3.62 27.38
C GLU B 61 -31.77 -3.78 26.98
N TRP B 62 -31.97 -4.60 25.97
CA TRP B 62 -33.26 -5.11 25.53
C TRP B 62 -33.31 -6.60 25.83
N TRP B 63 -34.40 -7.07 26.46
CA TRP B 63 -34.64 -8.49 26.57
C TRP B 63 -35.03 -9.05 25.21
N GLU B 64 -34.45 -10.18 24.82
CA GLU B 64 -34.81 -10.83 23.55
C GLU B 64 -35.69 -12.04 23.76
N PHE B 65 -35.21 -13.04 24.49
CA PHE B 65 -36.04 -14.20 24.79
C PHE B 65 -35.31 -14.97 25.87
N GLU B 66 -36.06 -15.78 26.60
CA GLU B 66 -35.48 -16.60 27.68
C GLU B 66 -34.63 -15.69 28.55
N ASN B 67 -33.38 -16.03 28.83
CA ASN B 67 -32.48 -15.17 29.60
C ASN B 67 -31.44 -14.50 28.69
N GLN B 68 -31.79 -14.28 27.44
CA GLN B 68 -30.84 -13.68 26.49
C GLN B 68 -31.21 -12.23 26.26
N TYR B 69 -30.25 -11.34 26.43
CA TYR B 69 -30.42 -9.90 26.32
C TYR B 69 -29.43 -9.35 25.28
N LEU B 70 -29.80 -8.21 24.64
CA LEU B 70 -28.89 -7.42 23.79
C LEU B 70 -28.45 -6.18 24.61
N GLU B 71 -27.17 -6.11 24.96
CA GLU B 71 -26.57 -4.99 25.68
C GLU B 71 -26.08 -3.94 24.68
N PHE B 72 -26.22 -2.66 25.03
CA PHE B 72 -25.82 -1.56 24.15
C PHE B 72 -25.13 -0.55 25.03
N GLU B 73 -23.95 -0.13 24.63
CA GLU B 73 -23.17 0.88 25.33
C GLU B 73 -22.63 1.89 24.31
N LEU B 74 -22.66 3.17 24.66
CA LEU B 74 -22.06 4.19 23.80
C LEU B 74 -21.36 5.22 24.64
N ASP B 75 -20.34 5.80 24.05
CA ASP B 75 -19.62 6.96 24.55
C ASP B 75 -20.04 8.17 23.74
N TYR B 76 -20.41 9.25 24.44
CA TYR B 76 -20.79 10.46 23.73
C TYR B 76 -20.50 11.66 24.60
N TYR B 77 -20.55 12.84 23.98
CA TYR B 77 -20.51 14.08 24.75
C TYR B 77 -21.58 15.01 24.19
N VAL B 78 -21.95 16.01 24.99
CA VAL B 78 -23.02 16.95 24.67
C VAL B 78 -22.44 18.32 24.37
N LYS B 79 -22.79 18.87 23.20
CA LYS B 79 -22.49 20.24 22.85
C LYS B 79 -23.74 20.85 22.23
N ASP B 80 -23.83 22.19 22.24
CA ASP B 80 -24.98 22.97 21.76
C ASP B 80 -26.27 22.17 21.56
N GLU B 81 -26.67 21.39 22.58
CA GLU B 81 -27.91 20.61 22.62
C GLU B 81 -27.91 19.44 21.62
N LYS B 82 -26.73 18.88 21.37
CA LYS B 82 -26.58 17.78 20.42
C LYS B 82 -25.60 16.79 20.99
N ILE B 83 -25.76 15.54 20.57
CA ILE B 83 -25.03 14.40 21.10
C ILE B 83 -24.03 13.96 20.04
N PHE B 84 -22.75 13.92 20.41
CA PHE B 84 -21.67 13.52 19.49
C PHE B 84 -21.18 12.13 19.93
N VAL B 85 -21.47 11.11 19.13
CA VAL B 85 -21.16 9.74 19.54
C VAL B 85 -19.77 9.40 19.06
N LEU B 86 -18.92 8.98 20.01
CA LEU B 86 -17.57 8.53 19.70
C LEU B 86 -17.52 7.06 19.30
N GLU B 87 -18.29 6.21 19.99
CA GLU B 87 -18.27 4.78 19.80
C GLU B 87 -19.52 4.15 20.39
N MET B 88 -19.84 3.00 19.83
CA MET B 88 -20.95 2.19 20.24
C MET B 88 -20.47 0.75 20.34
N HIS B 89 -21.07 0.00 21.27
CA HIS B 89 -20.80 -1.42 21.41
C HIS B 89 -22.12 -2.14 21.65
N PHE B 90 -22.33 -3.25 20.93
CA PHE B 90 -23.46 -4.14 21.19
C PHE B 90 -22.95 -5.53 21.52
N TRP B 91 -23.62 -6.21 22.46
CA TRP B 91 -23.28 -7.61 22.68
C TRP B 91 -24.47 -8.38 23.22
N ARG B 92 -24.63 -9.64 22.78
CA ARG B 92 -25.68 -10.49 23.30
C ARG B 92 -25.14 -11.23 24.51
N LYS B 93 -25.90 -11.19 25.59
CA LYS B 93 -25.43 -11.73 26.83
C LYS B 93 -26.49 -12.66 27.37
N ILE B 94 -26.05 -13.77 27.96
CA ILE B 94 -26.94 -14.70 28.63
C ILE B 94 -26.83 -14.45 30.14
N ARG B 95 -27.96 -14.18 30.77
CA ARG B 95 -27.97 -13.87 32.21
C ARG B 95 -28.37 -15.16 32.89
N LYS B 96 -27.39 -15.89 33.39
CA LYS B 96 -27.66 -17.20 33.95
C LYS B 96 -28.17 -17.11 35.36
N LEU B 97 -29.07 -18.03 35.68
CA LEU B 97 -29.45 -18.32 37.05
C LEU B 97 -28.25 -18.84 37.83
N GLU B 98 -28.00 -18.26 39.00
CA GLU B 98 -26.80 -18.61 39.77
C GLU B 98 -27.11 -18.91 41.22
N HIS B 99 -26.11 -19.58 41.84
CA HIS B 99 -25.85 -19.81 43.26
C HIS B 99 -26.87 -20.74 43.87
N HIS B 100 -26.63 -22.03 43.64
CA HIS B 100 -27.17 -23.16 44.40
C HIS B 100 -28.42 -22.97 45.20
N MET C 1 23.71 -20.83 -5.29
CA MET C 1 23.49 -19.74 -6.29
C MET C 1 23.47 -18.36 -5.66
N ASN C 2 24.37 -17.48 -6.09
CA ASN C 2 24.44 -16.17 -5.47
C ASN C 2 23.38 -15.27 -6.07
N TYR C 3 22.97 -14.28 -5.28
CA TYR C 3 21.97 -13.35 -5.73
C TYR C 3 22.40 -12.64 -7.01
N LYS C 4 23.70 -12.36 -7.17
CA LYS C 4 24.20 -11.73 -8.39
C LYS C 4 23.80 -12.54 -9.63
N GLU C 5 23.90 -13.87 -9.56
CA GLU C 5 23.50 -14.72 -10.67
C GLU C 5 21.99 -14.60 -10.95
N LEU C 6 21.20 -14.58 -9.90
CA LEU C 6 19.77 -14.33 -10.09
C LEU C 6 19.53 -13.00 -10.78
N GLU C 7 20.26 -11.95 -10.38
CA GLU C 7 20.07 -10.66 -11.03
C GLU C 7 20.37 -10.72 -12.53
N LYS C 8 21.33 -11.56 -12.91
CA LYS C 8 21.65 -11.72 -14.32
C LYS C 8 20.42 -12.25 -15.08
N MET C 9 19.74 -13.26 -14.52
CA MET C 9 18.55 -13.83 -15.15
C MET C 9 17.42 -12.81 -15.26
N LEU C 10 17.17 -12.12 -14.16
CA LEU C 10 16.10 -11.15 -14.11
C LEU C 10 16.32 -10.06 -15.13
N ASP C 11 17.57 -9.63 -15.31
CA ASP C 11 17.83 -8.60 -16.32
C ASP C 11 17.28 -9.03 -17.67
N VAL C 12 17.51 -10.29 -18.04
CA VAL C 12 17.07 -10.75 -19.34
C VAL C 12 15.57 -10.83 -19.42
N ILE C 13 14.92 -11.32 -18.35
CA ILE C 13 13.47 -11.41 -18.34
C ILE C 13 12.85 -10.02 -18.44
N PHE C 14 13.40 -9.04 -17.70
CA PHE C 14 12.78 -7.71 -17.65
C PHE C 14 12.94 -6.97 -18.98
N GLU C 15 14.11 -7.08 -19.56
CA GLU C 15 14.52 -6.24 -20.68
C GLU C 15 14.10 -6.78 -22.03
N ASN C 16 13.57 -8.01 -22.10
CA ASN C 16 13.24 -8.61 -23.40
C ASN C 16 11.77 -8.98 -23.41
N SER C 17 11.01 -8.14 -24.11
CA SER C 17 9.56 -8.20 -24.07
C SER C 17 8.99 -9.43 -24.76
N GLU C 18 9.81 -10.14 -25.56
CA GLU C 18 9.39 -11.37 -26.21
C GLU C 18 9.21 -12.53 -25.24
N ILE C 19 9.75 -12.43 -24.02
CA ILE C 19 9.62 -13.48 -23.01
C ILE C 19 8.22 -13.40 -22.45
N LYS C 20 7.32 -14.20 -23.02
CA LYS C 20 5.93 -14.12 -22.66
C LYS C 20 5.68 -14.80 -21.31
N GLU C 21 6.36 -15.91 -21.06
CA GLU C 21 6.17 -16.66 -19.83
C GLU C 21 7.47 -17.39 -19.52
N ILE C 22 7.89 -17.35 -18.25
CA ILE C 22 9.04 -18.11 -17.81
C ILE C 22 8.79 -18.69 -16.43
N ASP C 23 9.06 -20.00 -16.29
CA ASP C 23 8.86 -20.69 -15.01
C ASP C 23 10.20 -21.26 -14.57
N LEU C 24 10.59 -20.94 -13.34
CA LEU C 24 11.88 -21.32 -12.80
C LEU C 24 11.66 -22.15 -11.54
N PHE C 25 12.23 -23.36 -11.50
CA PHE C 25 12.09 -24.25 -10.36
C PHE C 25 13.47 -24.57 -9.82
N PHE C 26 13.63 -24.40 -8.51
CA PHE C 26 14.91 -24.58 -7.86
C PHE C 26 14.92 -25.85 -7.03
N ASP C 27 16.04 -26.54 -7.04
CA ASP C 27 16.31 -27.70 -6.18
C ASP C 27 17.82 -27.94 -6.10
N PRO C 28 18.48 -27.66 -4.96
CA PRO C 28 17.87 -27.11 -3.73
C PRO C 28 17.36 -25.68 -3.87
N GLU C 29 16.60 -25.26 -2.86
CA GLU C 29 16.09 -23.90 -2.82
C GLU C 29 17.24 -22.91 -2.81
N VAL C 30 17.01 -21.81 -3.45
CA VAL C 30 17.94 -20.70 -3.48
C VAL C 30 17.66 -19.82 -2.26
N GLU C 31 18.71 -19.51 -1.50
CA GLU C 31 18.56 -18.73 -0.28
C GLU C 31 19.01 -17.31 -0.55
N ILE C 32 18.20 -16.34 -0.13
CA ILE C 32 18.55 -14.94 -0.26
C ILE C 32 18.23 -14.24 1.06
N SER C 33 18.90 -13.13 1.28
CA SER C 33 18.70 -12.34 2.50
C SER C 33 17.45 -11.47 2.37
N LYS C 34 16.98 -10.96 3.51
CA LYS C 34 15.83 -10.06 3.50
C LYS C 34 16.07 -8.85 2.60
N GLN C 35 17.27 -8.28 2.66
CA GLN C 35 17.60 -7.13 1.81
C GLN C 35 17.57 -7.53 0.33
N GLU C 36 18.12 -8.68 -0.01
CA GLU C 36 18.05 -9.09 -1.41
C GLU C 36 16.60 -9.30 -1.83
N PHE C 37 15.74 -9.84 -0.95
CA PHE C 37 14.34 -10.01 -1.28
C PHE C 37 13.67 -8.66 -1.56
N GLU C 38 13.89 -7.68 -0.68
CA GLU C 38 13.28 -6.37 -0.92
C GLU C 38 13.79 -5.78 -2.22
N ASP C 39 15.09 -5.89 -2.49
CA ASP C 39 15.62 -5.43 -3.77
C ASP C 39 15.05 -6.25 -4.93
N LEU C 40 14.78 -7.53 -4.71
CA LEU C 40 14.17 -8.36 -5.75
C LEU C 40 12.87 -7.77 -6.24
N VAL C 41 12.05 -7.27 -5.32
CA VAL C 41 10.75 -6.75 -5.69
C VAL C 41 10.73 -5.23 -5.68
N LYS C 42 11.91 -4.60 -5.79
CA LYS C 42 11.97 -3.16 -5.78
C LYS C 42 11.20 -2.62 -6.98
N ASN C 43 10.44 -1.55 -6.75
CA ASN C 43 9.61 -0.90 -7.75
C ASN C 43 8.44 -1.74 -8.24
N ALA C 44 8.16 -2.87 -7.63
CA ALA C 44 7.00 -3.65 -8.05
C ALA C 44 5.78 -3.21 -7.24
N ASP C 45 4.60 -3.45 -7.81
CA ASP C 45 3.34 -3.28 -7.07
C ASP C 45 3.03 -4.65 -6.44
N PRO C 46 3.03 -4.78 -5.11
CA PRO C 46 2.64 -6.06 -4.49
C PRO C 46 1.16 -6.37 -4.71
N LEU C 47 0.88 -7.59 -5.15
CA LEU C 47 -0.48 -8.03 -5.30
C LEU C 47 -0.69 -9.01 -4.14
N GLN C 48 -1.46 -10.07 -4.34
CA GLN C 48 -1.84 -10.91 -3.20
C GLN C 48 -0.67 -11.71 -2.61
N LYS C 49 -0.79 -11.96 -1.31
CA LYS C 49 0.14 -12.78 -0.56
C LYS C 49 -0.62 -13.91 0.14
N VAL C 50 -0.15 -15.15 -0.06
CA VAL C 50 -0.80 -16.34 0.50
C VAL C 50 0.18 -17.08 1.41
N VAL C 51 -0.13 -17.14 2.69
CA VAL C 51 0.66 -17.82 3.72
C VAL C 51 0.05 -19.21 3.86
N GLY C 52 0.61 -20.20 3.14
CA GLY C 52 0.12 -21.55 3.22
C GLY C 52 0.75 -22.36 4.34
N ASP C 53 0.26 -23.59 4.47
CA ASP C 53 0.76 -24.51 5.49
C ASP C 53 2.27 -24.69 5.38
N ASN C 54 2.78 -24.81 4.16
CA ASN C 54 4.20 -25.10 3.96
C ASN C 54 5.02 -23.96 3.41
N TYR C 55 4.45 -23.11 2.54
CA TYR C 55 5.24 -22.06 1.94
C TYR C 55 4.33 -20.87 1.67
N ILE C 56 4.94 -19.75 1.39
CA ILE C 56 4.27 -18.50 1.05
C ILE C 56 4.36 -18.31 -0.45
N THR C 57 3.29 -17.85 -1.05
CA THR C 57 3.27 -17.42 -2.43
C THR C 57 2.92 -15.94 -2.40
N GLU C 58 3.81 -15.13 -2.99
CA GLU C 58 3.61 -13.70 -3.14
C GLU C 58 3.67 -13.35 -4.62
N THR C 59 2.79 -12.43 -5.01
CA THR C 59 2.67 -11.92 -6.37
C THR C 59 2.90 -10.42 -6.42
N PHE C 60 3.57 -10.01 -7.47
CA PHE C 60 3.97 -8.66 -7.76
C PHE C 60 3.78 -8.37 -9.24
N GLU C 61 3.76 -7.07 -9.58
CA GLU C 61 3.79 -6.73 -10.99
C GLU C 61 4.54 -5.42 -11.23
N TRP C 62 5.18 -5.35 -12.40
CA TRP C 62 5.76 -4.12 -12.92
C TRP C 62 5.03 -3.71 -14.19
N TRP C 63 4.67 -2.43 -14.29
CA TRP C 63 4.13 -1.91 -15.52
C TRP C 63 5.24 -1.91 -16.56
N GLU C 64 4.97 -2.43 -17.75
CA GLU C 64 6.00 -2.41 -18.77
C GLU C 64 5.72 -1.32 -19.80
N PHE C 65 4.55 -1.36 -20.44
CA PHE C 65 4.20 -0.32 -21.39
C PHE C 65 2.75 -0.53 -21.70
N GLU C 66 2.11 0.54 -22.17
CA GLU C 66 0.68 0.50 -22.51
C GLU C 66 -0.06 -0.11 -21.33
N ASN C 67 -0.86 -1.15 -21.52
CA ASN C 67 -1.52 -1.86 -20.43
C ASN C 67 -0.89 -3.23 -20.19
N GLN C 68 0.39 -3.35 -20.50
CA GLN C 68 1.10 -4.61 -20.33
C GLN C 68 2.01 -4.51 -19.12
N TYR C 69 1.93 -5.51 -18.26
CA TYR C 69 2.70 -5.62 -17.04
C TYR C 69 3.47 -6.93 -17.04
N LEU C 70 4.62 -6.94 -16.36
CA LEU C 70 5.34 -8.17 -16.05
C LEU C 70 4.89 -8.61 -14.66
N GLU C 71 4.12 -9.71 -14.60
CA GLU C 71 3.67 -10.33 -13.35
C GLU C 71 4.74 -11.30 -12.85
N PHE C 72 4.91 -11.36 -11.52
CA PHE C 72 5.94 -12.15 -10.86
C PHE C 72 5.31 -12.84 -9.65
N GLU C 73 5.52 -14.14 -9.57
CA GLU C 73 5.04 -14.92 -8.44
C GLU C 73 6.16 -15.82 -7.97
N LEU C 74 6.30 -15.95 -6.65
CA LEU C 74 7.26 -16.91 -6.13
C LEU C 74 6.68 -17.61 -4.92
N ASP C 75 7.14 -18.82 -4.76
CA ASP C 75 6.96 -19.65 -3.58
C ASP C 75 8.22 -19.58 -2.76
N TYR C 76 8.08 -19.28 -1.48
CA TYR C 76 9.26 -19.28 -0.61
C TYR C 76 8.85 -19.62 0.81
N TYR C 77 9.84 -19.91 1.64
CA TYR C 77 9.62 -20.01 3.08
C TYR C 77 10.78 -19.30 3.78
N VAL C 78 10.54 -18.93 5.04
CA VAL C 78 11.48 -18.19 5.86
C VAL C 78 12.07 -19.11 6.92
N LYS C 79 13.38 -19.08 7.06
CA LYS C 79 14.06 -19.83 8.10
C LYS C 79 15.22 -18.99 8.62
N ASP C 80 15.26 -18.77 9.93
CA ASP C 80 16.37 -18.03 10.55
C ASP C 80 16.71 -16.73 9.79
N GLU C 81 15.69 -15.90 9.57
CA GLU C 81 15.83 -14.56 8.97
C GLU C 81 16.33 -14.63 7.52
N LYS C 82 15.97 -15.68 6.81
CA LYS C 82 16.44 -15.87 5.44
C LYS C 82 15.30 -16.47 4.63
N ILE C 83 15.32 -16.19 3.34
CA ILE C 83 14.27 -16.58 2.42
C ILE C 83 14.83 -17.67 1.50
N PHE C 84 14.15 -18.81 1.46
CA PHE C 84 14.51 -19.92 0.60
C PHE C 84 13.49 -20.00 -0.52
N VAL C 85 13.92 -19.75 -1.75
CA VAL C 85 13.01 -19.69 -2.88
C VAL C 85 12.89 -21.06 -3.53
N LEU C 86 11.63 -21.51 -3.65
CA LEU C 86 11.28 -22.78 -4.26
C LEU C 86 11.15 -22.64 -5.79
N GLU C 87 10.47 -21.58 -6.23
CA GLU C 87 10.12 -21.41 -7.63
C GLU C 87 9.77 -19.96 -7.87
N MET C 88 9.96 -19.56 -9.11
CA MET C 88 9.63 -18.25 -9.61
C MET C 88 8.87 -18.40 -10.91
N HIS C 89 7.92 -17.48 -11.15
CA HIS C 89 7.14 -17.47 -12.38
C HIS C 89 6.99 -16.02 -12.81
N PHE C 90 7.26 -15.76 -14.05
CA PHE C 90 7.00 -14.47 -14.65
C PHE C 90 6.11 -14.66 -15.87
N TRP C 91 5.15 -13.74 -16.05
CA TRP C 91 4.35 -13.73 -17.25
C TRP C 91 3.96 -12.30 -17.62
N ARG C 92 3.98 -12.02 -18.90
CA ARG C 92 3.55 -10.71 -19.37
C ARG C 92 2.05 -10.75 -19.63
N LYS C 93 1.29 -9.84 -18.99
CA LYS C 93 -0.14 -9.93 -19.11
C LYS C 93 -0.67 -8.55 -19.52
N ILE C 94 -1.69 -8.58 -20.35
CA ILE C 94 -2.37 -7.38 -20.78
C ILE C 94 -3.57 -7.20 -19.86
N ARG C 95 -3.69 -6.02 -19.26
CA ARG C 95 -4.77 -5.79 -18.32
C ARG C 95 -5.97 -5.19 -18.99
N LYS C 96 -7.13 -5.62 -18.50
CA LYS C 96 -8.46 -5.30 -19.00
C LYS C 96 -8.55 -5.81 -20.43
N MET D 1 14.74 -10.54 -30.14
CA MET D 1 15.67 -10.81 -28.98
C MET D 1 17.04 -11.23 -29.47
N ASN D 2 18.11 -10.56 -29.02
CA ASN D 2 19.45 -10.78 -29.56
C ASN D 2 20.04 -12.07 -29.01
N TYR D 3 20.90 -12.71 -29.82
CA TYR D 3 21.53 -13.94 -29.36
C TYR D 3 22.41 -13.63 -28.18
N LYS D 4 23.07 -12.46 -28.17
CA LYS D 4 23.92 -12.11 -27.04
C LYS D 4 23.11 -12.12 -25.75
N GLU D 5 21.93 -11.49 -25.77
CA GLU D 5 21.07 -11.47 -24.59
C GLU D 5 20.61 -12.87 -24.24
N LEU D 6 20.14 -13.62 -25.23
CA LEU D 6 19.79 -15.01 -24.96
C LEU D 6 20.95 -15.75 -24.30
N GLU D 7 22.15 -15.59 -24.85
CA GLU D 7 23.30 -16.34 -24.35
C GLU D 7 23.52 -16.12 -22.87
N LYS D 8 23.25 -14.89 -22.42
CA LYS D 8 23.48 -14.48 -21.04
C LYS D 8 22.67 -15.32 -20.06
N MET D 9 21.39 -15.52 -20.34
CA MET D 9 20.54 -16.34 -19.48
C MET D 9 20.99 -17.77 -19.50
N LEU D 10 21.33 -18.27 -20.68
CA LEU D 10 21.71 -19.66 -20.77
C LEU D 10 22.96 -19.93 -19.96
N ASP D 11 23.88 -18.98 -19.94
CA ASP D 11 25.06 -19.12 -19.10
C ASP D 11 24.64 -19.34 -17.65
N VAL D 12 23.61 -18.61 -17.20
CA VAL D 12 23.13 -18.72 -15.81
C VAL D 12 22.57 -20.11 -15.57
N ILE D 13 21.74 -20.60 -16.50
CA ILE D 13 21.24 -21.96 -16.43
C ILE D 13 22.37 -22.98 -16.42
N PHE D 14 23.40 -22.84 -17.30
CA PHE D 14 24.44 -23.86 -17.33
C PHE D 14 25.25 -23.83 -16.06
N GLU D 15 25.47 -22.64 -15.51
CA GLU D 15 26.47 -22.49 -14.45
C GLU D 15 25.90 -22.65 -13.04
N ASN D 16 24.58 -22.81 -12.89
CA ASN D 16 23.95 -22.90 -11.57
C ASN D 16 23.11 -24.18 -11.47
N SER D 17 23.65 -25.18 -10.78
CA SER D 17 23.05 -26.50 -10.64
C SER D 17 21.76 -26.50 -9.86
N GLU D 18 21.47 -25.40 -9.13
CA GLU D 18 20.22 -25.29 -8.38
C GLU D 18 19.02 -25.14 -9.28
N ILE D 19 19.24 -24.68 -10.52
CA ILE D 19 18.12 -24.53 -11.43
C ILE D 19 17.70 -25.92 -11.91
N LYS D 20 16.64 -26.43 -11.30
CA LYS D 20 16.17 -27.77 -11.63
C LYS D 20 15.40 -27.79 -12.95
N GLU D 21 14.52 -26.81 -13.20
CA GLU D 21 13.84 -26.79 -14.49
C GLU D 21 13.48 -25.38 -14.85
N ILE D 22 13.49 -25.10 -16.14
CA ILE D 22 13.09 -23.78 -16.68
C ILE D 22 12.29 -23.96 -17.97
N ASP D 23 11.14 -23.28 -18.03
CA ASP D 23 10.26 -23.29 -19.19
C ASP D 23 10.19 -21.85 -19.67
N LEU D 24 10.47 -21.66 -20.96
CA LEU D 24 10.56 -20.36 -21.61
C LEU D 24 9.60 -20.31 -22.78
N PHE D 25 8.70 -19.34 -22.79
CA PHE D 25 7.78 -19.21 -23.90
C PHE D 25 7.95 -17.82 -24.50
N PHE D 26 8.17 -17.80 -25.82
CA PHE D 26 8.45 -16.59 -26.56
C PHE D 26 7.22 -16.21 -27.37
N ASP D 27 6.91 -14.89 -27.42
CA ASP D 27 5.86 -14.39 -28.28
C ASP D 27 6.07 -12.90 -28.51
N PRO D 28 6.51 -12.49 -29.71
CA PRO D 28 6.85 -13.32 -30.87
C PRO D 28 8.08 -14.25 -30.69
N GLU D 29 8.26 -15.11 -31.67
CA GLU D 29 9.41 -16.01 -31.70
C GLU D 29 10.71 -15.23 -31.69
N VAL D 30 11.73 -15.84 -31.09
CA VAL D 30 13.07 -15.29 -31.11
C VAL D 30 13.83 -15.84 -32.32
N GLU D 31 14.49 -14.94 -33.05
CA GLU D 31 15.24 -15.25 -34.26
C GLU D 31 16.72 -15.34 -33.92
N ILE D 32 17.36 -16.42 -34.36
CA ILE D 32 18.80 -16.61 -34.22
C ILE D 32 19.32 -17.19 -35.54
N SER D 33 20.62 -17.00 -35.78
CA SER D 33 21.23 -17.53 -36.99
C SER D 33 21.63 -18.99 -36.80
N LYS D 34 21.85 -19.67 -37.92
CA LYS D 34 22.31 -21.05 -37.84
C LYS D 34 23.62 -21.12 -37.06
N GLN D 35 24.52 -20.15 -37.25
CA GLN D 35 25.75 -20.15 -36.46
C GLN D 35 25.44 -20.01 -34.96
N GLU D 36 24.52 -19.11 -34.61
CA GLU D 36 24.16 -18.96 -33.20
C GLU D 36 23.47 -20.20 -32.64
N PHE D 37 22.55 -20.82 -33.40
CA PHE D 37 21.90 -22.03 -32.93
C PHE D 37 22.93 -23.14 -32.69
N GLU D 38 23.85 -23.32 -33.64
CA GLU D 38 24.93 -24.29 -33.42
C GLU D 38 25.77 -23.93 -32.21
N ASP D 39 26.13 -22.65 -32.05
CA ASP D 39 26.91 -22.27 -30.88
C ASP D 39 26.14 -22.52 -29.59
N LEU D 40 24.81 -22.33 -29.63
CA LEU D 40 23.98 -22.55 -28.45
C LEU D 40 24.15 -23.97 -27.91
N VAL D 41 24.14 -24.96 -28.80
CA VAL D 41 24.27 -26.37 -28.44
C VAL D 41 25.68 -26.81 -28.75
N LYS D 42 26.66 -26.01 -28.32
CA LYS D 42 28.04 -26.22 -28.71
C LYS D 42 28.49 -27.66 -28.49
N ASN D 43 28.49 -28.12 -27.24
CA ASN D 43 29.01 -29.44 -26.89
C ASN D 43 27.92 -30.41 -26.45
N ALA D 44 26.71 -30.25 -26.96
CA ALA D 44 25.60 -31.10 -26.55
C ALA D 44 25.49 -32.34 -27.41
N ASP D 45 24.88 -33.37 -26.82
CA ASP D 45 24.55 -34.59 -27.54
C ASP D 45 23.16 -34.43 -28.11
N PRO D 46 23.00 -34.39 -29.44
CA PRO D 46 21.65 -34.45 -30.00
C PRO D 46 21.03 -35.77 -29.60
N LEU D 47 19.81 -35.70 -29.09
CA LEU D 47 19.07 -36.86 -28.63
C LEU D 47 17.95 -37.17 -29.59
N GLN D 48 16.91 -36.33 -29.61
CA GLN D 48 15.79 -36.62 -30.46
C GLN D 48 15.45 -35.41 -31.32
N LYS D 49 14.94 -35.67 -32.52
CA LYS D 49 14.40 -34.64 -33.40
C LYS D 49 13.08 -35.12 -33.96
N VAL D 50 12.01 -34.31 -33.81
CA VAL D 50 10.68 -34.67 -34.29
C VAL D 50 10.22 -33.60 -35.28
N VAL D 51 9.90 -34.02 -36.52
CA VAL D 51 9.40 -33.10 -37.54
C VAL D 51 7.88 -33.06 -37.40
N GLY D 52 7.40 -32.02 -36.73
CA GLY D 52 5.98 -31.80 -36.53
C GLY D 52 5.32 -31.08 -37.68
N ASP D 53 4.00 -30.93 -37.53
CA ASP D 53 3.20 -30.33 -38.60
C ASP D 53 3.72 -28.94 -38.95
N ASN D 54 3.89 -28.09 -37.95
CA ASN D 54 4.31 -26.70 -38.13
C ASN D 54 5.67 -26.36 -37.56
N TYR D 55 6.20 -27.18 -36.66
CA TYR D 55 7.50 -26.90 -36.06
C TYR D 55 8.21 -28.21 -35.78
N ILE D 56 9.52 -28.10 -35.59
CA ILE D 56 10.37 -29.22 -35.22
C ILE D 56 10.74 -29.07 -33.75
N THR D 57 10.79 -30.20 -33.03
CA THR D 57 11.25 -30.24 -31.65
C THR D 57 12.54 -31.04 -31.59
N GLU D 58 13.58 -30.40 -31.05
CA GLU D 58 14.88 -31.02 -30.88
C GLU D 58 15.21 -30.99 -29.40
N THR D 59 15.80 -32.07 -28.95
CA THR D 59 16.30 -32.30 -27.61
C THR D 59 17.79 -32.58 -27.63
N PHE D 60 18.48 -32.02 -26.67
CA PHE D 60 19.91 -32.17 -26.52
C PHE D 60 20.20 -32.45 -25.07
N GLU D 61 21.40 -32.95 -24.80
CA GLU D 61 21.81 -33.05 -23.41
C GLU D 61 23.30 -32.85 -23.27
N TRP D 62 23.70 -32.30 -22.10
CA TRP D 62 25.08 -32.21 -21.64
C TRP D 62 25.20 -33.03 -20.36
N TRP D 63 26.21 -33.91 -20.29
CA TRP D 63 26.54 -34.52 -19.01
C TRP D 63 27.06 -33.43 -18.07
N GLU D 64 26.60 -33.41 -16.82
CA GLU D 64 27.15 -32.45 -15.84
C GLU D 64 28.05 -33.10 -14.81
N PHE D 65 27.52 -34.03 -14.03
CA PHE D 65 28.34 -34.75 -13.07
C PHE D 65 27.54 -35.98 -12.69
N GLU D 66 28.26 -37.01 -12.24
CA GLU D 66 27.68 -38.27 -11.85
C GLU D 66 26.71 -38.70 -12.95
N ASN D 67 25.49 -39.06 -12.62
CA ASN D 67 24.47 -39.41 -13.60
C ASN D 67 23.52 -38.24 -13.81
N GLN D 68 23.97 -37.04 -13.54
CA GLN D 68 23.09 -35.86 -13.67
C GLN D 68 23.42 -35.13 -14.97
N TYR D 69 22.39 -34.91 -15.77
CA TYR D 69 22.47 -34.28 -17.07
C TYR D 69 21.55 -33.04 -17.12
N LEU D 70 21.94 -32.09 -17.96
CA LEU D 70 21.12 -30.95 -18.34
C LEU D 70 20.50 -31.26 -19.69
N GLU D 71 19.18 -31.41 -19.73
CA GLU D 71 18.42 -31.59 -20.96
C GLU D 71 17.92 -30.26 -21.48
N PHE D 72 17.91 -30.12 -22.80
CA PHE D 72 17.47 -28.90 -23.44
C PHE D 72 16.56 -29.27 -24.59
N GLU D 73 15.37 -28.69 -24.61
CA GLU D 73 14.40 -28.95 -25.67
C GLU D 73 13.87 -27.62 -26.20
N LEU D 74 13.69 -27.55 -27.52
CA LEU D 74 13.11 -26.34 -28.08
C LEU D 74 12.24 -26.72 -29.27
N ASP D 75 11.20 -25.90 -29.48
CA ASP D 75 10.35 -25.92 -30.66
C ASP D 75 10.78 -24.76 -31.57
N TYR D 76 10.98 -25.04 -32.86
CA TYR D 76 11.34 -23.97 -33.79
C TYR D 76 10.97 -24.36 -35.21
N TYR D 77 10.99 -23.37 -36.08
CA TYR D 77 10.79 -23.57 -37.50
C TYR D 77 11.84 -22.77 -38.25
N VAL D 78 12.04 -23.12 -39.53
CA VAL D 78 13.03 -22.48 -40.40
C VAL D 78 12.31 -21.64 -41.45
N LYS D 79 12.81 -20.44 -41.69
CA LYS D 79 12.31 -19.57 -42.75
C LYS D 79 13.19 -19.65 -43.99
N ASP D 80 14.19 -18.77 -44.10
CA ASP D 80 15.10 -18.80 -45.21
C ASP D 80 16.49 -19.33 -44.65
N GLU D 81 17.15 -18.53 -43.86
CA GLU D 81 18.37 -19.00 -43.21
C GLU D 81 18.40 -18.53 -41.76
N LYS D 82 17.24 -18.54 -41.11
CA LYS D 82 17.12 -18.08 -39.73
C LYS D 82 16.18 -19.02 -39.01
N ILE D 83 16.38 -19.09 -37.71
CA ILE D 83 15.67 -20.01 -36.85
C ILE D 83 14.74 -19.22 -35.94
N PHE D 84 13.44 -19.56 -35.96
CA PHE D 84 12.42 -18.91 -35.12
C PHE D 84 12.06 -19.84 -33.97
N VAL D 85 12.48 -19.48 -32.76
CA VAL D 85 12.28 -20.32 -31.57
C VAL D 85 10.97 -19.94 -30.89
N LEU D 86 10.09 -20.93 -30.71
CA LEU D 86 8.80 -20.76 -30.05
C LEU D 86 8.92 -20.90 -28.53
N GLU D 87 9.65 -21.90 -28.05
CA GLU D 87 9.77 -22.10 -26.62
C GLU D 87 10.99 -22.96 -26.39
N MET D 88 11.56 -22.83 -25.21
CA MET D 88 12.71 -23.61 -24.80
C MET D 88 12.40 -24.20 -23.44
N HIS D 89 12.95 -25.40 -23.20
CA HIS D 89 12.83 -26.06 -21.90
C HIS D 89 14.16 -26.65 -21.51
N PHE D 90 14.53 -26.38 -20.27
CA PHE D 90 15.68 -27.00 -19.65
C PHE D 90 15.25 -27.74 -18.39
N TRP D 91 15.87 -28.90 -18.16
CA TRP D 91 15.68 -29.69 -16.95
C TRP D 91 16.93 -30.50 -16.65
N ARG D 92 17.29 -30.51 -15.38
CA ARG D 92 18.36 -31.33 -14.86
C ARG D 92 17.73 -32.66 -14.47
N LYS D 93 18.30 -33.73 -15.00
CA LYS D 93 17.70 -35.03 -14.87
C LYS D 93 18.77 -35.97 -14.35
N ILE D 94 18.33 -36.92 -13.54
CA ILE D 94 19.21 -37.97 -13.03
C ILE D 94 18.91 -39.21 -13.84
N ARG D 95 19.93 -39.77 -14.50
CA ARG D 95 19.77 -40.97 -15.34
C ARG D 95 20.12 -42.16 -14.47
N LYS D 96 19.21 -42.44 -13.56
CA LYS D 96 19.31 -43.50 -12.58
C LYS D 96 19.57 -44.85 -13.24
N LEU D 97 20.30 -45.69 -12.53
CA LEU D 97 20.44 -47.08 -12.92
C LEU D 97 19.12 -47.80 -12.69
N GLU D 98 18.68 -48.58 -13.66
CA GLU D 98 17.29 -49.00 -13.65
C GLU D 98 17.08 -50.37 -13.00
N HIS D 99 17.15 -51.45 -13.77
CA HIS D 99 16.56 -52.70 -13.35
C HIS D 99 17.65 -53.68 -12.92
N HIS D 100 17.24 -54.64 -12.10
CA HIS D 100 18.10 -55.70 -11.66
C HIS D 100 18.78 -56.39 -12.84
N MET E 1 -6.66 17.38 7.78
CA MET E 1 -5.30 17.28 8.40
C MET E 1 -5.31 17.74 9.86
N ASN E 2 -4.83 16.86 10.73
CA ASN E 2 -4.80 17.08 12.17
C ASN E 2 -3.52 17.81 12.59
N TYR E 3 -3.60 18.45 13.76
CA TYR E 3 -2.43 19.16 14.31
C TYR E 3 -1.28 18.19 14.54
N LYS E 4 -1.59 16.96 14.98
CA LYS E 4 -0.53 15.98 15.21
C LYS E 4 0.33 15.81 13.96
N GLU E 5 -0.30 15.74 12.79
CA GLU E 5 0.46 15.66 11.53
C GLU E 5 1.21 16.96 11.24
N LEU E 6 0.54 18.11 11.39
CA LEU E 6 1.21 19.38 11.16
C LEU E 6 2.44 19.55 12.04
N GLU E 7 2.31 19.23 13.33
CA GLU E 7 3.41 19.39 14.26
C GLU E 7 4.63 18.58 13.83
N LYS E 8 4.44 17.44 13.17
CA LYS E 8 5.61 16.72 12.67
C LYS E 8 6.39 17.59 11.69
N MET E 9 5.69 18.21 10.74
CA MET E 9 6.37 19.13 9.83
C MET E 9 6.91 20.33 10.59
N LEU E 10 6.11 20.89 11.50
CA LEU E 10 6.56 22.08 12.23
C LEU E 10 7.81 21.78 13.06
N ASP E 11 7.88 20.61 13.68
CA ASP E 11 9.09 20.24 14.42
C ASP E 11 10.35 20.32 13.54
N VAL E 12 10.28 19.87 12.29
CA VAL E 12 11.46 19.93 11.40
C VAL E 12 11.84 21.38 11.13
N ILE E 13 10.84 22.25 10.90
CA ILE E 13 11.11 23.68 10.68
C ILE E 13 11.80 24.26 11.89
N PHE E 14 11.27 23.94 13.09
CA PHE E 14 11.83 24.51 14.30
C PHE E 14 13.23 24.02 14.54
N GLU E 15 13.49 22.75 14.20
CA GLU E 15 14.70 22.08 14.64
C GLU E 15 15.87 22.20 13.66
N ASN E 16 15.65 22.71 12.46
CA ASN E 16 16.70 22.71 11.44
C ASN E 16 16.93 24.13 10.95
N SER E 17 18.02 24.72 11.44
CA SER E 17 18.29 26.13 11.20
C SER E 17 18.58 26.40 9.72
N GLU E 18 18.88 25.35 8.94
CA GLU E 18 19.14 25.51 7.51
C GLU E 18 17.90 25.91 6.71
N ILE E 19 16.70 25.67 7.24
CA ILE E 19 15.46 26.07 6.59
C ILE E 19 15.29 27.57 6.79
N LYS E 20 15.69 28.33 5.78
CA LYS E 20 15.72 29.78 5.85
C LYS E 20 14.33 30.37 5.67
N GLU E 21 13.52 29.77 4.80
CA GLU E 21 12.16 30.24 4.54
C GLU E 21 11.34 29.05 4.10
N ILE E 22 10.09 29.00 4.56
CA ILE E 22 9.16 27.97 4.10
C ILE E 22 7.75 28.58 4.07
N ASP E 23 7.05 28.38 2.96
CA ASP E 23 5.68 28.87 2.80
C ASP E 23 4.75 27.68 2.56
N LEU E 24 3.65 27.65 3.31
CA LEU E 24 2.70 26.53 3.30
C LEU E 24 1.31 27.07 2.99
N PHE E 25 0.64 26.46 2.02
CA PHE E 25 -0.71 26.85 1.65
C PHE E 25 -1.62 25.64 1.70
N PHE E 26 -2.72 25.79 2.43
CA PHE E 26 -3.67 24.71 2.68
C PHE E 26 -5.00 24.93 1.99
N ASP E 27 -5.62 23.83 1.51
CA ASP E 27 -6.98 23.87 0.99
C ASP E 27 -7.57 22.47 0.95
N PRO E 28 -8.57 22.17 1.77
CA PRO E 28 -9.23 23.06 2.73
C PRO E 28 -8.32 23.45 3.88
N GLU E 29 -8.74 24.48 4.62
CA GLU E 29 -7.97 24.98 5.74
C GLU E 29 -7.69 23.84 6.72
N VAL E 30 -6.58 23.93 7.42
CA VAL E 30 -6.28 22.93 8.45
C VAL E 30 -6.97 23.33 9.74
N GLU E 31 -7.64 22.38 10.35
CA GLU E 31 -8.48 22.62 11.53
C GLU E 31 -7.71 22.29 12.80
N ILE E 32 -7.60 23.27 13.70
CA ILE E 32 -6.98 23.03 15.00
C ILE E 32 -7.78 23.73 16.09
N SER E 33 -7.65 23.21 17.30
CA SER E 33 -8.34 23.75 18.48
C SER E 33 -7.57 24.92 19.08
N LYS E 34 -8.28 25.72 19.91
CA LYS E 34 -7.63 26.84 20.58
C LYS E 34 -6.43 26.37 21.39
N GLN E 35 -6.57 25.26 22.11
CA GLN E 35 -5.46 24.77 22.91
C GLN E 35 -4.25 24.42 22.05
N GLU E 36 -4.47 23.78 20.90
CA GLU E 36 -3.35 23.49 20.01
C GLU E 36 -2.69 24.75 19.49
N PHE E 37 -3.50 25.75 19.10
CA PHE E 37 -2.93 27.00 18.64
C PHE E 37 -2.11 27.65 19.76
N GLU E 38 -2.68 27.70 20.96
CA GLU E 38 -1.92 28.22 22.10
C GLU E 38 -0.63 27.40 22.31
N ASP E 39 -0.74 26.08 22.21
CA ASP E 39 0.45 25.24 22.36
C ASP E 39 1.49 25.55 21.29
N LEU E 40 1.05 25.83 20.07
CA LEU E 40 2.00 26.15 19.01
C LEU E 40 2.83 27.38 19.35
N VAL E 41 2.19 28.47 19.77
CA VAL E 41 2.94 29.71 19.98
C VAL E 41 3.13 29.97 21.46
N LYS E 42 3.21 28.90 22.26
CA LYS E 42 3.22 29.09 23.69
C LYS E 42 4.40 29.95 24.14
N ASN E 43 5.59 29.68 23.63
CA ASN E 43 6.80 30.40 24.01
C ASN E 43 7.26 31.41 22.95
N ALA E 44 6.36 31.82 22.07
CA ALA E 44 6.66 32.79 21.04
C ALA E 44 6.35 34.20 21.54
N ASP E 45 6.98 35.18 20.91
CA ASP E 45 6.66 36.57 21.16
C ASP E 45 5.63 36.99 20.13
N PRO E 46 4.40 37.30 20.53
CA PRO E 46 3.44 37.87 19.57
C PRO E 46 3.93 39.22 19.10
N LEU E 47 3.92 39.41 17.81
CA LEU E 47 4.37 40.66 17.21
C LEU E 47 3.12 41.47 16.84
N GLN E 48 2.53 41.15 15.71
CA GLN E 48 1.38 41.89 15.21
C GLN E 48 0.19 40.96 15.02
N LYS E 49 -1.01 41.51 15.18
CA LYS E 49 -2.27 40.85 14.86
C LYS E 49 -3.14 41.81 14.04
N VAL E 50 -3.52 41.34 12.85
CA VAL E 50 -4.26 42.12 11.87
C VAL E 50 -5.58 41.43 11.66
N VAL E 51 -6.66 42.16 11.93
CA VAL E 51 -7.99 41.63 11.72
C VAL E 51 -8.41 42.08 10.33
N GLY E 52 -8.21 41.20 9.35
CA GLY E 52 -8.61 41.51 8.01
C GLY E 52 -10.07 41.18 7.78
N ASP E 53 -10.52 41.60 6.60
CA ASP E 53 -11.91 41.42 6.19
C ASP E 53 -12.33 39.96 6.21
N ASN E 54 -11.48 39.08 5.69
CA ASN E 54 -11.82 37.67 5.54
C ASN E 54 -11.15 36.80 6.58
N TYR E 55 -9.95 37.16 7.03
CA TYR E 55 -9.20 36.35 7.97
C TYR E 55 -8.32 37.25 8.84
N ILE E 56 -7.76 36.66 9.86
CA ILE E 56 -6.76 37.26 10.73
C ILE E 56 -5.37 36.80 10.26
N THR E 57 -4.42 37.73 10.32
CA THR E 57 -3.02 37.45 10.11
C THR E 57 -2.27 37.76 11.39
N GLU E 58 -1.63 36.76 11.99
CA GLU E 58 -0.87 36.97 13.21
C GLU E 58 0.58 36.57 12.93
N THR E 59 1.45 37.37 13.50
CA THR E 59 2.88 37.22 13.42
C THR E 59 3.46 37.02 14.81
N PHE E 60 4.41 36.11 14.87
CA PHE E 60 5.08 35.72 16.08
C PHE E 60 6.57 35.58 15.77
N GLU E 61 7.38 35.63 16.84
CA GLU E 61 8.77 35.23 16.68
C GLU E 61 9.31 34.54 17.92
N TRP E 62 10.21 33.57 17.69
CA TRP E 62 11.00 32.94 18.73
C TRP E 62 12.45 33.36 18.54
N TRP E 63 13.11 33.76 19.62
CA TRP E 63 14.55 33.89 19.53
C TRP E 63 15.18 32.49 19.50
N GLU E 64 16.13 32.27 18.58
CA GLU E 64 16.75 30.96 18.51
C GLU E 64 18.07 30.91 19.27
N PHE E 65 19.02 31.73 18.88
CA PHE E 65 20.36 31.81 19.44
C PHE E 65 21.05 32.93 18.69
N GLU E 66 22.15 33.42 19.25
CA GLU E 66 22.94 34.48 18.62
C GLU E 66 22.01 35.66 18.32
N ASN E 67 22.04 36.20 17.11
CA ASN E 67 21.12 37.24 16.70
C ASN E 67 20.11 36.69 15.70
N GLN E 68 19.85 35.40 15.76
CA GLN E 68 18.94 34.74 14.84
C GLN E 68 17.57 34.46 15.47
N TYR E 69 16.52 34.81 14.71
CA TYR E 69 15.13 34.66 15.10
C TYR E 69 14.37 33.85 14.06
N LEU E 70 13.40 33.10 14.54
CA LEU E 70 12.42 32.41 13.70
C LEU E 70 11.11 33.19 13.73
N GLU E 71 10.75 33.75 12.58
CA GLU E 71 9.49 34.46 12.39
C GLU E 71 8.41 33.50 11.87
N PHE E 72 7.19 33.67 12.36
CA PHE E 72 6.10 32.80 11.97
C PHE E 72 4.88 33.65 11.69
N GLU E 73 4.24 33.44 10.55
CA GLU E 73 3.04 34.19 10.20
C GLU E 73 2.00 33.22 9.68
N LEU E 74 0.75 33.40 10.12
CA LEU E 74 -0.34 32.59 9.61
C LEU E 74 -1.58 33.43 9.40
N ASP E 75 -2.35 33.02 8.41
CA ASP E 75 -3.68 33.52 8.14
C ASP E 75 -4.66 32.46 8.63
N TYR E 76 -5.64 32.91 9.39
CA TYR E 76 -6.62 31.99 9.92
C TYR E 76 -7.90 32.75 10.18
N TYR E 77 -8.98 32.00 10.34
CA TYR E 77 -10.22 32.56 10.84
C TYR E 77 -10.77 31.60 11.88
N VAL E 78 -11.70 32.10 12.67
CA VAL E 78 -12.30 31.35 13.76
C VAL E 78 -13.71 30.99 13.35
N LYS E 79 -14.05 29.72 13.49
CA LYS E 79 -15.41 29.23 13.25
C LYS E 79 -15.71 28.28 14.39
N ASP E 80 -16.87 28.43 15.02
CA ASP E 80 -17.24 27.58 16.16
C ASP E 80 -16.15 27.76 17.22
N GLU E 81 -15.57 26.69 17.76
CA GLU E 81 -14.47 26.81 18.71
C GLU E 81 -13.19 26.23 18.12
N LYS E 82 -12.91 26.56 16.86
CA LYS E 82 -11.79 25.97 16.14
C LYS E 82 -11.11 27.06 15.33
N ILE E 83 -9.84 26.85 15.01
CA ILE E 83 -9.05 27.75 14.18
C ILE E 83 -8.82 27.02 12.85
N PHE E 84 -9.18 27.67 11.75
CA PHE E 84 -9.03 27.15 10.40
C PHE E 84 -7.89 27.94 9.74
N VAL E 85 -6.74 27.28 9.49
CA VAL E 85 -5.53 27.92 9.00
C VAL E 85 -5.49 27.84 7.47
N LEU E 86 -5.33 28.99 6.82
CA LEU E 86 -5.25 29.07 5.36
C LEU E 86 -3.83 28.88 4.86
N GLU E 87 -2.86 29.45 5.58
CA GLU E 87 -1.47 29.43 5.17
C GLU E 87 -0.56 29.76 6.35
N MET E 88 0.67 29.29 6.22
CA MET E 88 1.72 29.56 7.19
C MET E 88 2.99 29.97 6.48
N HIS E 89 3.76 30.82 7.17
CA HIS E 89 5.04 31.26 6.69
C HIS E 89 6.03 31.27 7.84
N PHE E 90 7.18 30.65 7.64
CA PHE E 90 8.28 30.74 8.57
C PHE E 90 9.50 31.30 7.85
N TRP E 91 10.29 32.13 8.54
CA TRP E 91 11.55 32.57 7.97
C TRP E 91 12.52 32.91 9.09
N ARG E 92 13.80 32.58 8.88
CA ARG E 92 14.83 32.95 9.84
C ARG E 92 15.42 34.30 9.47
N LYS E 93 15.55 35.19 10.44
CA LYS E 93 16.07 36.52 10.16
C LYS E 93 17.08 36.90 11.24
N ILE E 94 17.98 37.77 10.85
CA ILE E 94 18.97 38.35 11.74
C ILE E 94 18.49 39.71 12.21
N ARG E 95 18.46 39.91 13.52
CA ARG E 95 18.10 41.20 14.12
C ARG E 95 19.38 41.87 14.62
N LYS E 96 19.59 43.13 14.21
CA LYS E 96 20.82 43.88 14.50
C LYS E 96 22.03 42.97 14.68
N MET F 1 21.53 19.75 8.00
CA MET F 1 20.26 18.98 8.04
C MET F 1 20.43 17.62 7.36
N ASN F 2 20.14 16.56 8.11
CA ASN F 2 20.27 15.20 7.61
C ASN F 2 19.01 14.78 6.84
N TYR F 3 19.19 13.82 5.95
CA TYR F 3 18.08 13.38 5.10
C TYR F 3 16.91 12.84 5.92
N LYS F 4 17.17 12.16 7.04
CA LYS F 4 16.06 11.68 7.86
C LYS F 4 15.14 12.81 8.28
N GLU F 5 15.71 13.95 8.71
CA GLU F 5 14.85 15.07 9.09
C GLU F 5 14.06 15.57 7.90
N LEU F 6 14.74 15.73 6.75
CA LEU F 6 14.03 16.13 5.54
C LEU F 6 12.93 15.15 5.18
N GLU F 7 13.24 13.85 5.25
CA GLU F 7 12.24 12.84 4.88
C GLU F 7 10.97 12.97 5.72
N LYS F 8 11.13 13.34 7.00
CA LYS F 8 9.95 13.54 7.85
C LYS F 8 9.05 14.59 7.24
N MET F 9 9.63 15.69 6.76
CA MET F 9 8.85 16.77 6.14
C MET F 9 8.14 16.31 4.87
N LEU F 10 8.85 15.57 4.02
CA LEU F 10 8.24 15.14 2.76
C LEU F 10 7.04 14.22 3.01
N ASP F 11 7.14 13.31 4.00
CA ASP F 11 6.05 12.39 4.28
C ASP F 11 4.73 13.12 4.53
N VAL F 12 4.78 14.22 5.28
CA VAL F 12 3.58 14.99 5.56
C VAL F 12 3.02 15.58 4.27
N ILE F 13 3.90 16.10 3.41
CA ILE F 13 3.44 16.66 2.14
C ILE F 13 2.74 15.61 1.29
N PHE F 14 3.34 14.43 1.20
CA PHE F 14 2.82 13.38 0.33
C PHE F 14 1.46 12.86 0.85
N GLU F 15 1.31 12.75 2.16
CA GLU F 15 0.15 12.09 2.73
C GLU F 15 -1.05 13.01 2.98
N ASN F 16 -0.91 14.33 2.82
CA ASN F 16 -1.99 15.27 3.16
C ASN F 16 -2.28 16.14 1.94
N SER F 17 -3.30 15.77 1.17
CA SER F 17 -3.60 16.50 -0.05
C SER F 17 -4.09 17.90 0.23
N GLU F 18 -4.41 18.24 1.50
CA GLU F 18 -4.79 19.61 1.85
C GLU F 18 -3.62 20.57 1.64
N ILE F 19 -2.40 20.07 1.66
CA ILE F 19 -1.22 20.89 1.38
C ILE F 19 -1.09 21.16 -0.13
N LYS F 20 -1.61 22.31 -0.60
CA LYS F 20 -1.68 22.62 -2.02
C LYS F 20 -0.37 23.13 -2.55
N GLU F 21 0.36 23.88 -1.75
CA GLU F 21 1.61 24.44 -2.22
C GLU F 21 2.57 24.50 -1.05
N ILE F 22 3.83 24.20 -1.32
CA ILE F 22 4.90 24.31 -0.32
C ILE F 22 6.16 24.82 -1.02
N ASP F 23 6.77 25.88 -0.50
CA ASP F 23 8.03 26.38 -1.01
C ASP F 23 9.02 26.37 0.15
N LEU F 24 10.18 25.76 -0.06
CA LEU F 24 11.27 25.62 0.92
C LEU F 24 12.55 26.22 0.36
N PHE F 25 13.19 27.10 1.13
CA PHE F 25 14.47 27.69 0.74
C PHE F 25 15.50 27.35 1.81
N PHE F 26 16.63 26.82 1.36
CA PHE F 26 17.69 26.36 2.26
C PHE F 26 18.84 27.33 2.22
N ASP F 27 19.44 27.56 3.38
CA ASP F 27 20.66 28.33 3.51
C ASP F 27 21.32 28.06 4.85
N PRO F 28 22.45 27.36 4.91
CA PRO F 28 23.19 26.78 3.78
C PRO F 28 22.43 25.65 3.08
N GLU F 29 22.94 25.26 1.93
CA GLU F 29 22.33 24.19 1.17
C GLU F 29 22.27 22.91 1.99
N VAL F 30 21.25 22.11 1.76
CA VAL F 30 21.15 20.82 2.39
C VAL F 30 21.86 19.81 1.51
N GLU F 31 22.74 19.00 2.08
CA GLU F 31 23.52 18.04 1.33
C GLU F 31 22.94 16.64 1.45
N ILE F 32 22.70 15.99 0.32
CA ILE F 32 22.20 14.62 0.28
C ILE F 32 22.97 13.82 -0.76
N SER F 33 22.98 12.52 -0.56
CA SER F 33 23.66 11.56 -1.43
C SER F 33 22.81 11.18 -2.65
N LYS F 34 23.47 10.56 -3.63
CA LYS F 34 22.74 10.09 -4.82
C LYS F 34 21.61 9.14 -4.45
N GLN F 35 21.86 8.23 -3.50
CA GLN F 35 20.82 7.29 -3.09
C GLN F 35 19.65 8.00 -2.42
N GLU F 36 19.95 8.99 -1.57
CA GLU F 36 18.88 9.75 -0.93
C GLU F 36 18.05 10.50 -1.98
N PHE F 37 18.72 11.06 -2.99
CA PHE F 37 18.00 11.74 -4.06
C PHE F 37 17.09 10.76 -4.78
N GLU F 38 17.63 9.59 -5.15
CA GLU F 38 16.85 8.61 -5.87
C GLU F 38 15.65 8.15 -5.05
N ASP F 39 15.86 7.91 -3.75
CA ASP F 39 14.74 7.53 -2.89
C ASP F 39 13.73 8.65 -2.78
N LEU F 40 14.19 9.90 -2.77
CA LEU F 40 13.29 11.05 -2.69
C LEU F 40 12.29 11.03 -3.84
N VAL F 41 12.77 10.75 -5.06
CA VAL F 41 11.92 10.75 -6.25
C VAL F 41 11.63 9.30 -6.66
N LYS F 42 11.43 8.42 -5.69
CA LYS F 42 11.35 6.99 -5.97
C LYS F 42 10.35 6.65 -7.08
N ASN F 43 9.06 6.87 -6.87
CA ASN F 43 8.04 6.48 -7.84
C ASN F 43 7.51 7.67 -8.63
N ALA F 44 8.30 8.73 -8.73
CA ALA F 44 7.88 9.91 -9.46
C ALA F 44 8.24 9.79 -10.93
N ASP F 45 7.47 10.52 -11.74
CA ASP F 45 7.73 10.65 -13.16
C ASP F 45 8.60 11.88 -13.40
N PRO F 46 9.87 11.72 -13.81
CA PRO F 46 10.67 12.92 -14.12
C PRO F 46 10.05 13.66 -15.30
N LEU F 47 9.94 14.98 -15.16
CA LEU F 47 9.37 15.80 -16.22
C LEU F 47 10.48 16.43 -17.04
N GLN F 48 10.99 17.57 -16.63
CA GLN F 48 12.00 18.32 -17.33
C GLN F 48 13.23 18.49 -16.46
N LYS F 49 14.42 18.50 -17.08
CA LYS F 49 15.62 18.82 -16.34
C LYS F 49 16.39 19.91 -17.07
N VAL F 50 16.73 20.99 -16.34
CA VAL F 50 17.47 22.08 -16.99
C VAL F 50 18.77 22.26 -16.24
N VAL F 51 19.87 22.10 -16.98
CA VAL F 51 21.21 22.25 -16.47
C VAL F 51 21.64 23.67 -16.76
N GLY F 52 21.51 24.54 -15.77
CA GLY F 52 21.94 25.91 -15.93
C GLY F 52 23.41 26.09 -15.65
N ASP F 53 23.87 27.34 -15.81
CA ASP F 53 25.27 27.64 -15.59
C ASP F 53 25.72 27.22 -14.19
N ASN F 54 24.93 27.55 -13.16
CA ASN F 54 25.32 27.32 -11.77
C ASN F 54 24.58 26.19 -11.08
N TYR F 55 23.34 25.89 -11.46
CA TYR F 55 22.64 24.80 -10.80
C TYR F 55 21.70 24.12 -11.77
N ILE F 56 21.27 22.93 -11.36
CA ILE F 56 20.32 22.12 -12.11
C ILE F 56 18.96 22.29 -11.46
N THR F 57 17.94 22.41 -12.30
CA THR F 57 16.55 22.40 -11.88
C THR F 57 15.91 21.16 -12.47
N GLU F 58 15.34 20.33 -11.62
CA GLU F 58 14.66 19.12 -12.06
C GLU F 58 13.23 19.14 -11.53
N THR F 59 12.30 18.70 -12.36
CA THR F 59 10.90 18.63 -12.00
C THR F 59 10.41 17.20 -12.07
N PHE F 60 9.55 16.83 -11.12
CA PHE F 60 8.98 15.50 -11.07
C PHE F 60 7.49 15.62 -10.81
N GLU F 61 6.78 14.55 -11.13
CA GLU F 61 5.38 14.50 -10.72
C GLU F 61 4.97 13.09 -10.31
N TRP F 62 4.09 13.06 -9.31
CA TRP F 62 3.39 11.86 -8.88
C TRP F 62 1.92 12.05 -9.17
N TRP F 63 1.32 11.07 -9.81
CA TRP F 63 -0.13 10.98 -9.85
C TRP F 63 -0.63 10.54 -8.47
N GLU F 64 -1.66 11.20 -7.98
CA GLU F 64 -2.21 10.85 -6.67
C GLU F 64 -3.50 10.06 -6.78
N PHE F 65 -4.51 10.64 -7.42
CA PHE F 65 -5.77 9.94 -7.62
C PHE F 65 -6.61 10.79 -8.57
N GLU F 66 -7.50 10.11 -9.30
CA GLU F 66 -8.38 10.79 -10.25
C GLU F 66 -7.55 11.72 -11.11
N ASN F 67 -7.86 13.02 -11.17
CA ASN F 67 -7.06 13.94 -11.98
C ASN F 67 -6.13 14.78 -11.15
N GLN F 68 -5.75 14.29 -9.96
CA GLN F 68 -4.92 15.04 -9.03
C GLN F 68 -3.48 14.55 -9.06
N TYR F 69 -2.56 15.51 -9.21
CA TYR F 69 -1.13 15.24 -9.31
C TYR F 69 -0.37 16.10 -8.32
N LEU F 70 0.78 15.56 -7.88
CA LEU F 70 1.73 16.29 -7.05
C LEU F 70 2.97 16.62 -7.88
N GLU F 71 3.20 17.89 -8.13
CA GLU F 71 4.39 18.36 -8.83
C GLU F 71 5.46 18.73 -7.82
N PHE F 72 6.72 18.43 -8.17
CA PHE F 72 7.89 18.68 -7.35
C PHE F 72 9.02 19.20 -8.22
N GLU F 73 9.64 20.28 -7.77
CA GLU F 73 10.78 20.91 -8.41
C GLU F 73 11.85 21.23 -7.37
N LEU F 74 13.12 21.00 -7.71
CA LEU F 74 14.22 21.40 -6.83
C LEU F 74 15.36 21.96 -7.66
N ASP F 75 16.08 22.92 -7.07
CA ASP F 75 17.34 23.43 -7.56
C ASP F 75 18.45 22.81 -6.74
N TYR F 76 19.48 22.32 -7.43
CA TYR F 76 20.62 21.73 -6.77
C TYR F 76 21.85 21.86 -7.66
N TYR F 77 23.02 21.70 -7.05
CA TYR F 77 24.28 21.62 -7.79
C TYR F 77 25.11 20.52 -7.17
N VAL F 78 26.11 20.11 -7.91
CA VAL F 78 27.01 19.04 -7.52
C VAL F 78 28.35 19.66 -7.14
N LYS F 79 28.86 19.27 -5.98
CA LYS F 79 30.19 19.60 -5.50
C LYS F 79 30.74 18.31 -4.93
N ASP F 80 32.00 18.01 -5.23
CA ASP F 80 32.58 16.75 -4.80
C ASP F 80 31.74 15.61 -5.39
N GLU F 81 31.03 14.83 -4.58
CA GLU F 81 30.14 13.77 -5.09
C GLU F 81 28.79 13.75 -4.35
N LYS F 82 28.22 14.92 -4.12
CA LYS F 82 26.99 14.98 -3.35
C LYS F 82 26.13 16.06 -3.96
N ILE F 83 24.85 16.03 -3.60
CA ILE F 83 23.86 16.97 -4.12
C ILE F 83 23.56 18.01 -3.05
N PHE F 84 23.76 19.29 -3.40
CA PHE F 84 23.50 20.43 -2.53
C PHE F 84 22.20 21.07 -2.98
N VAL F 85 21.16 20.96 -2.16
CA VAL F 85 19.84 21.45 -2.53
C VAL F 85 19.68 22.88 -2.06
N LEU F 86 19.39 23.79 -3.01
CA LEU F 86 19.12 25.19 -2.70
C LEU F 86 17.67 25.43 -2.30
N GLU F 87 16.73 24.81 -2.98
CA GLU F 87 15.34 25.07 -2.70
C GLU F 87 14.49 23.97 -3.28
N MET F 88 13.31 23.81 -2.70
CA MET F 88 12.35 22.84 -3.17
C MET F 88 10.96 23.47 -3.26
N HIS F 89 10.17 22.99 -4.20
CA HIS F 89 8.79 23.45 -4.37
C HIS F 89 7.88 22.27 -4.66
N PHE F 90 6.76 22.20 -3.92
CA PHE F 90 5.75 21.21 -4.25
C PHE F 90 4.44 21.92 -4.58
N TRP F 91 3.70 21.42 -5.56
CA TRP F 91 2.37 21.98 -5.73
C TRP F 91 1.43 20.93 -6.30
N ARG F 92 0.18 20.96 -5.83
CA ARG F 92 -0.85 20.05 -6.33
C ARG F 92 -1.60 20.67 -7.50
N LYS F 93 -1.81 19.85 -8.54
CA LYS F 93 -2.29 20.32 -9.83
C LYS F 93 -3.38 19.40 -10.38
N ILE F 94 -4.32 20.02 -11.08
CA ILE F 94 -5.39 19.31 -11.78
C ILE F 94 -5.00 19.21 -13.26
N ARG F 95 -4.97 18.00 -13.79
CA ARG F 95 -4.69 17.74 -15.20
C ARG F 95 -5.99 17.31 -15.86
N LYS F 96 -6.45 18.02 -16.90
CA LYS F 96 -7.68 17.58 -17.57
C LYS F 96 -7.47 16.25 -18.30
N LEU F 97 -6.30 16.09 -18.90
CA LEU F 97 -5.94 14.86 -19.58
C LEU F 97 -5.39 13.85 -18.56
N GLU F 98 -4.83 12.75 -19.05
CA GLU F 98 -4.23 11.73 -18.21
C GLU F 98 -2.76 11.67 -18.61
N HIS F 99 -1.89 12.27 -17.80
CA HIS F 99 -0.47 12.29 -18.09
C HIS F 99 0.28 11.11 -17.47
N HIS F 100 -0.38 10.32 -16.62
CA HIS F 100 0.20 9.05 -16.20
C HIS F 100 0.05 8.04 -17.32
N HIS F 101 0.99 7.10 -17.39
CA HIS F 101 1.12 6.25 -18.58
C HIS F 101 0.05 5.18 -18.64
N HIS F 102 -0.46 4.70 -17.52
CA HIS F 102 -1.53 3.71 -17.58
C HIS F 102 -2.21 3.58 -16.21
N HIS F 103 -3.54 3.54 -16.24
CA HIS F 103 -4.37 3.30 -15.07
C HIS F 103 -4.27 1.84 -14.62
#